data_5YXL
#
_entry.id   5YXL
#
_cell.length_a   35.509
_cell.length_b   117.341
_cell.length_c   151.137
_cell.angle_alpha   90.000
_cell.angle_beta   90.000
_cell.angle_gamma   90.000
#
_symmetry.space_group_name_H-M   'P 21 21 21'
#
loop_
_entity.id
_entity.type
_entity.pdbx_description
1 polymer 'Bile acid receptor'
2 polymer 'Peptide from Nuclear receptor coactivator 2'
3 non-polymer '2-methoxyethyl propan-2-yl 2,6-dimethyl-4-(3-nitrophenyl)pyridine-3,5-dicarboxylate'
4 water water
#
loop_
_entity_poly.entity_id
_entity_poly.type
_entity_poly.pdbx_seq_one_letter_code
_entity_poly.pdbx_strand_id
1 'polypeptide(L)'
;ELTPDQQTLLHFIMDSYNKQRMPQEITNKILKEEFSAEENFLILTEMATNHVQVLVEFTKKLPGFQTLDHEDQIALLKGS
AVEAMFLRSAEIFNKKLPSGHSDLLEERIRNSGISDEYITPMFSFYKSIGELKMTQEEYALLTAIVILSPDRQYIKDREA
VEKLQEPLLDVLQKLCKIHQPENPQHFACLLGRLTELRTFNHHHAEMLMSWRVNDHKFTPLLCEIWDVQ
;
A,C
2 'polypeptide(L)' ALLRYLLD B,D
#
loop_
_chem_comp.id
_chem_comp.type
_chem_comp.name
_chem_comp.formula
NIW non-polymer '2-methoxyethyl propan-2-yl 2,6-dimethyl-4-(3-nitrophenyl)pyridine-3,5-dicarboxylate' 'C21 H24 N2 O7'
#
# COMPACT_ATOMS: atom_id res chain seq x y z
N THR A 3 -12.91 -10.23 -19.74
CA THR A 3 -12.66 -10.39 -21.25
C THR A 3 -12.33 -11.85 -21.66
N PRO A 4 -12.87 -12.31 -22.82
CA PRO A 4 -12.64 -13.70 -23.25
C PRO A 4 -11.15 -14.15 -23.32
N ASP A 5 -10.27 -13.29 -23.84
CA ASP A 5 -8.84 -13.62 -23.91
C ASP A 5 -8.13 -13.52 -22.56
N GLN A 6 -8.69 -12.73 -21.65
CA GLN A 6 -8.16 -12.52 -20.36
C GLN A 6 -8.53 -13.70 -19.46
N GLN A 7 -9.75 -14.21 -19.61
CA GLN A 7 -10.16 -15.38 -18.85
C GLN A 7 -9.31 -16.57 -19.23
N THR A 8 -8.96 -16.65 -20.50
CA THR A 8 -8.12 -17.76 -20.98
C THR A 8 -6.72 -17.64 -20.39
N LEU A 9 -6.13 -16.44 -20.49
CA LEU A 9 -4.89 -16.14 -19.81
C LEU A 9 -4.90 -16.52 -18.32
N LEU A 10 -5.93 -16.13 -17.61
CA LEU A 10 -5.99 -16.34 -16.19
C LEU A 10 -6.05 -17.81 -15.87
N HIS A 11 -6.84 -18.58 -16.63
CA HIS A 11 -7.00 -20.01 -16.37
C HIS A 11 -5.67 -20.71 -16.67
N PHE A 12 -4.97 -20.29 -17.69
CA PHE A 12 -3.66 -20.82 -17.96
C PHE A 12 -2.66 -20.58 -16.81
N ILE A 13 -2.61 -19.33 -16.31
CA ILE A 13 -1.82 -19.02 -15.09
C ILE A 13 -2.23 -19.88 -13.90
N MET A 14 -3.53 -19.98 -13.63
CA MET A 14 -4.00 -20.78 -12.48
C MET A 14 -3.72 -22.27 -12.65
N ASP A 15 -3.83 -22.82 -13.84
CA ASP A 15 -3.60 -24.25 -14.02
C ASP A 15 -2.13 -24.55 -13.67
N SER A 16 -1.22 -23.65 -14.08
CA SER A 16 0.17 -23.83 -13.78
C SER A 16 0.46 -23.55 -12.30
N TYR A 17 -0.05 -22.48 -11.77
CA TYR A 17 0.19 -22.16 -10.39
C TYR A 17 -0.32 -23.24 -9.42
N ASN A 18 -1.55 -23.74 -9.67
CA ASN A 18 -2.14 -24.75 -8.81
C ASN A 18 -1.35 -26.03 -8.77
N LYS A 19 -0.56 -26.34 -9.80
CA LYS A 19 0.29 -27.54 -9.77
C LYS A 19 1.50 -27.39 -8.83
N GLN A 20 1.82 -26.18 -8.42
CA GLN A 20 3.00 -25.96 -7.59
C GLN A 20 2.63 -26.42 -6.20
N ARG A 21 3.43 -27.29 -5.61
CA ARG A 21 3.31 -27.56 -4.17
C ARG A 21 4.60 -27.96 -3.56
N MET A 22 4.79 -27.60 -2.31
CA MET A 22 5.94 -28.01 -1.56
C MET A 22 5.70 -29.47 -1.12
N PRO A 23 6.67 -30.36 -1.34
CA PRO A 23 6.38 -31.76 -1.05
C PRO A 23 6.12 -31.97 0.44
N GLN A 24 5.10 -32.81 0.72
CA GLN A 24 4.66 -33.11 2.10
C GLN A 24 5.85 -33.51 3.02
N GLU A 25 6.78 -34.22 2.40
CA GLU A 25 7.98 -34.67 3.09
C GLU A 25 8.77 -33.52 3.72
N ILE A 26 8.84 -32.37 3.06
CA ILE A 26 9.54 -31.22 3.62
C ILE A 26 8.70 -30.64 4.74
N THR A 27 7.43 -30.50 4.52
CA THR A 27 6.47 -30.09 5.56
C THR A 27 6.60 -30.95 6.84
N ASN A 28 6.72 -32.25 6.69
CA ASN A 28 6.89 -33.13 7.87
C ASN A 28 8.18 -32.82 8.64
N LYS A 29 9.23 -32.45 7.91
CA LYS A 29 10.50 -32.15 8.51
C LYS A 29 10.46 -31.00 9.49
N ILE A 30 9.63 -30.03 9.21
CA ILE A 30 9.41 -28.89 10.10
C ILE A 30 9.10 -29.40 11.49
N LEU A 31 8.30 -30.45 11.59
CA LEU A 31 7.99 -31.06 12.92
C LEU A 31 9.02 -32.03 13.39
N LYS A 32 9.48 -32.86 12.50
CA LYS A 32 10.17 -34.07 12.91
C LYS A 32 11.68 -34.01 13.09
N GLU A 33 12.33 -33.01 12.53
CA GLU A 33 13.77 -33.00 12.60
C GLU A 33 14.21 -32.58 13.94
N GLU A 34 15.41 -33.02 14.30
CA GLU A 34 16.16 -32.50 15.43
C GLU A 34 16.22 -30.98 15.26
N PHE A 35 16.30 -30.29 16.41
CA PHE A 35 16.35 -28.87 16.47
C PHE A 35 17.77 -28.44 16.88
N SER A 36 18.51 -27.92 15.91
CA SER A 36 19.85 -27.36 16.11
C SER A 36 20.08 -26.33 15.01
N ALA A 37 21.06 -25.47 15.20
CA ALA A 37 21.33 -24.42 14.27
C ALA A 37 21.58 -25.10 12.88
N GLU A 38 22.34 -26.19 12.85
CA GLU A 38 22.73 -26.80 11.61
C GLU A 38 21.58 -27.57 10.94
N GLU A 39 20.81 -28.33 11.69
CA GLU A 39 19.63 -29.00 11.10
C GLU A 39 18.58 -27.99 10.65
N ASN A 40 18.45 -26.90 11.38
CA ASN A 40 17.53 -25.87 11.02
C ASN A 40 17.90 -25.19 9.68
N PHE A 41 19.17 -24.92 9.51
CA PHE A 41 19.70 -24.30 8.31
C PHE A 41 19.52 -25.23 7.09
N LEU A 42 19.82 -26.49 7.27
CA LEU A 42 19.54 -27.52 6.26
C LEU A 42 18.10 -27.60 5.81
N ILE A 43 17.16 -27.55 6.74
CA ILE A 43 15.75 -27.56 6.36
C ILE A 43 15.41 -26.34 5.50
N LEU A 44 15.90 -25.16 5.89
CA LEU A 44 15.64 -23.95 5.17
C LEU A 44 16.28 -24.03 3.75
N THR A 45 17.43 -24.67 3.65
CA THR A 45 18.10 -24.92 2.39
C THR A 45 17.29 -25.83 1.49
N GLU A 46 16.79 -26.94 2.02
CA GLU A 46 15.97 -27.79 1.20
C GLU A 46 14.69 -27.06 0.78
N MET A 47 14.13 -26.24 1.64
CA MET A 47 12.95 -25.51 1.30
C MET A 47 13.22 -24.51 0.16
N ALA A 48 14.29 -23.75 0.32
CA ALA A 48 14.67 -22.74 -0.68
C ALA A 48 14.93 -23.37 -2.08
N THR A 49 15.64 -24.49 -2.08
CA THR A 49 15.93 -25.27 -3.25
C THR A 49 14.65 -25.69 -3.92
N ASN A 50 13.68 -26.13 -3.13
CA ASN A 50 12.42 -26.59 -3.74
C ASN A 50 11.64 -25.43 -4.27
N HIS A 51 11.67 -24.27 -3.55
CA HIS A 51 11.06 -23.03 -4.10
C HIS A 51 11.59 -22.68 -5.48
N VAL A 52 12.89 -22.79 -5.70
CA VAL A 52 13.44 -22.52 -7.04
C VAL A 52 12.97 -23.58 -8.05
N GLN A 53 12.98 -24.84 -7.66
CA GLN A 53 12.48 -25.93 -8.50
C GLN A 53 11.08 -25.63 -9.02
N VAL A 54 10.19 -25.27 -8.12
CA VAL A 54 8.83 -25.02 -8.43
C VAL A 54 8.67 -23.80 -9.28
N LEU A 55 9.44 -22.79 -9.00
CA LEU A 55 9.33 -21.56 -9.72
C LEU A 55 9.88 -21.70 -11.18
N VAL A 56 10.92 -22.49 -11.39
CA VAL A 56 11.30 -22.81 -12.74
C VAL A 56 10.17 -23.53 -13.53
N GLU A 57 9.49 -24.48 -12.90
CA GLU A 57 8.46 -25.21 -13.58
C GLU A 57 7.30 -24.26 -13.91
N PHE A 58 7.00 -23.35 -12.99
CA PHE A 58 5.96 -22.38 -13.21
C PHE A 58 6.40 -21.44 -14.36
N THR A 59 7.66 -21.01 -14.33
CA THR A 59 8.11 -20.00 -15.29
C THR A 59 8.00 -20.54 -16.72
N LYS A 60 8.38 -21.78 -16.92
CA LYS A 60 8.42 -22.30 -18.28
C LYS A 60 7.06 -22.55 -18.88
N LYS A 61 6.03 -22.59 -18.05
CA LYS A 61 4.66 -22.57 -18.49
C LYS A 61 4.05 -21.20 -18.66
N LEU A 62 4.74 -20.10 -18.32
CA LEU A 62 4.07 -18.78 -18.51
C LEU A 62 3.91 -18.50 -20.01
N PRO A 63 2.72 -17.97 -20.44
CA PRO A 63 2.45 -17.69 -21.85
C PRO A 63 3.48 -16.81 -22.49
N GLY A 64 4.05 -17.26 -23.60
CA GLY A 64 5.09 -16.50 -24.22
C GLY A 64 6.50 -16.77 -23.74
N PHE A 65 6.69 -17.37 -22.55
CA PHE A 65 8.08 -17.49 -22.06
C PHE A 65 9.00 -18.31 -23.02
N GLN A 66 8.48 -19.40 -23.54
CA GLN A 66 9.24 -20.27 -24.49
C GLN A 66 9.57 -19.61 -25.84
N THR A 67 8.88 -18.53 -26.18
CA THR A 67 9.11 -17.76 -27.38
C THR A 67 10.27 -16.77 -27.18
N LEU A 68 10.67 -16.50 -25.94
CA LEU A 68 11.76 -15.58 -25.69
C LEU A 68 13.12 -16.06 -26.13
N ASP A 69 13.99 -15.16 -26.49
CA ASP A 69 15.42 -15.47 -26.60
C ASP A 69 15.97 -16.25 -25.37
N HIS A 70 16.75 -17.28 -25.65
CA HIS A 70 17.24 -18.22 -24.69
C HIS A 70 18.09 -17.59 -23.60
N GLU A 71 18.99 -16.70 -23.97
CA GLU A 71 19.76 -16.00 -22.97
C GLU A 71 18.85 -15.12 -22.10
N ASP A 72 17.84 -14.50 -22.70
CA ASP A 72 16.95 -13.64 -21.96
C ASP A 72 16.13 -14.46 -20.97
N GLN A 73 15.73 -15.65 -21.36
CA GLN A 73 15.08 -16.59 -20.43
C GLN A 73 15.90 -16.79 -19.17
N ILE A 74 17.20 -17.03 -19.36
CA ILE A 74 18.10 -17.29 -18.25
C ILE A 74 18.22 -16.06 -17.39
N ALA A 75 18.39 -14.89 -18.04
CA ALA A 75 18.54 -13.64 -17.31
C ALA A 75 17.29 -13.35 -16.50
N LEU A 76 16.13 -13.70 -17.01
CA LEU A 76 14.86 -13.58 -16.22
C LEU A 76 14.85 -14.48 -15.01
N LEU A 77 15.21 -15.73 -15.21
CA LEU A 77 15.17 -16.69 -14.12
C LEU A 77 16.11 -16.23 -13.04
N LYS A 78 17.35 -15.90 -13.39
CA LYS A 78 18.34 -15.53 -12.37
C LYS A 78 17.99 -14.17 -11.74
N GLY A 79 17.52 -13.23 -12.55
CA GLY A 79 17.31 -11.90 -12.05
C GLY A 79 16.05 -11.83 -11.14
N SER A 80 15.02 -12.61 -11.46
CA SER A 80 13.80 -12.57 -10.66
C SER A 80 13.73 -13.61 -9.55
N ALA A 81 14.78 -14.41 -9.40
CA ALA A 81 14.78 -15.50 -8.43
C ALA A 81 14.61 -15.08 -6.96
N VAL A 82 15.34 -14.06 -6.55
CA VAL A 82 15.30 -13.69 -5.16
C VAL A 82 13.89 -13.22 -4.78
N GLU A 83 13.31 -12.41 -5.62
CA GLU A 83 11.97 -11.84 -5.35
C GLU A 83 10.91 -12.96 -5.40
N ALA A 84 10.98 -13.81 -6.40
CA ALA A 84 10.04 -14.90 -6.55
C ALA A 84 10.06 -15.94 -5.44
N MET A 85 11.24 -16.35 -5.01
CA MET A 85 11.42 -17.28 -3.94
C MET A 85 10.92 -16.67 -2.63
N PHE A 86 11.27 -15.41 -2.36
CA PHE A 86 10.87 -14.78 -1.16
C PHE A 86 9.34 -14.67 -1.10
N LEU A 87 8.73 -14.27 -2.21
CA LEU A 87 7.32 -14.25 -2.30
C LEU A 87 6.67 -15.61 -2.05
N ARG A 88 7.22 -16.65 -2.65
CA ARG A 88 6.68 -17.96 -2.50
C ARG A 88 6.83 -18.40 -1.04
N SER A 89 7.97 -18.10 -0.41
CA SER A 89 8.18 -18.49 1.01
C SER A 89 7.16 -17.78 1.91
N ALA A 90 6.81 -16.54 1.58
CA ALA A 90 5.75 -15.86 2.32
C ALA A 90 4.39 -16.51 2.13
N GLU A 91 4.07 -16.89 0.90
CA GLU A 91 2.85 -17.64 0.68
C GLU A 91 2.82 -18.94 1.53
N ILE A 92 3.86 -19.75 1.45
CA ILE A 92 3.91 -20.99 2.18
C ILE A 92 3.64 -20.74 3.68
N PHE A 93 4.40 -19.80 4.25
CA PHE A 93 4.39 -19.49 5.67
C PHE A 93 3.01 -19.04 6.15
N ASN A 94 2.35 -18.19 5.37
CA ASN A 94 1.07 -17.66 5.71
C ASN A 94 -0.15 -18.54 5.35
N LYS A 95 -0.19 -19.42 4.36
CA LYS A 95 -1.40 -20.37 4.33
C LYS A 95 -1.63 -20.92 5.81
N SER A 102 4.54 -24.07 11.30
CA SER A 102 4.53 -22.58 11.04
C SER A 102 5.05 -21.68 12.18
N ASP A 103 4.45 -21.81 13.35
CA ASP A 103 5.13 -21.36 14.62
C ASP A 103 6.47 -22.10 14.80
N LEU A 104 6.49 -23.37 14.48
CA LEU A 104 7.69 -24.14 14.58
C LEU A 104 8.74 -23.76 13.57
N LEU A 105 8.30 -23.49 12.33
CA LEU A 105 9.23 -23.05 11.29
C LEU A 105 9.84 -21.70 11.70
N GLU A 106 9.02 -20.84 12.23
CA GLU A 106 9.53 -19.56 12.71
C GLU A 106 10.62 -19.76 13.75
N GLU A 107 10.36 -20.65 14.68
CA GLU A 107 11.43 -20.92 15.70
C GLU A 107 12.69 -21.51 15.07
N ARG A 108 12.54 -22.39 14.12
CA ARG A 108 13.72 -22.92 13.40
C ARG A 108 14.50 -21.79 12.69
N ILE A 109 13.79 -20.93 11.99
CA ILE A 109 14.42 -19.78 11.33
C ILE A 109 15.15 -18.90 12.34
N ARG A 110 14.51 -18.63 13.47
CA ARG A 110 15.13 -17.83 14.55
C ARG A 110 16.29 -18.54 15.22
N ASN A 111 16.51 -19.79 14.91
CA ASN A 111 17.60 -20.54 15.50
C ASN A 111 18.32 -21.34 14.45
N SER A 112 18.69 -20.67 13.37
CA SER A 112 19.44 -21.34 12.27
C SER A 112 20.77 -20.71 12.01
N GLY A 113 21.18 -19.80 12.89
CA GLY A 113 22.45 -19.09 12.80
C GLY A 113 22.42 -17.88 11.90
N ILE A 114 21.23 -17.48 11.42
CA ILE A 114 21.10 -16.37 10.50
C ILE A 114 20.91 -15.15 11.40
N SER A 115 21.59 -14.09 11.05
CA SER A 115 21.60 -12.88 11.81
C SER A 115 20.23 -12.19 11.72
N ASP A 116 19.84 -11.56 12.81
CA ASP A 116 18.64 -10.76 12.93
C ASP A 116 18.57 -9.61 11.91
N GLU A 117 19.70 -9.11 11.40
CA GLU A 117 19.69 -8.15 10.31
C GLU A 117 18.80 -8.63 9.11
N TYR A 118 18.84 -9.94 8.85
CA TYR A 118 18.08 -10.54 7.77
C TYR A 118 16.73 -11.13 8.22
N ILE A 119 16.70 -11.73 9.40
CA ILE A 119 15.46 -12.30 9.95
C ILE A 119 14.39 -11.22 10.18
N THR A 120 14.75 -10.15 10.84
CA THR A 120 13.76 -9.07 11.07
C THR A 120 12.99 -8.57 9.83
N PRO A 121 13.68 -8.14 8.78
CA PRO A 121 12.91 -7.72 7.58
C PRO A 121 12.11 -8.87 6.93
N MET A 122 12.59 -10.09 7.02
CA MET A 122 11.86 -11.24 6.50
C MET A 122 10.46 -11.37 7.17
N PHE A 123 10.43 -11.41 8.50
CA PHE A 123 9.18 -11.54 9.23
C PHE A 123 8.30 -10.31 9.10
N SER A 124 8.90 -9.16 8.84
CA SER A 124 8.09 -7.96 8.64
C SER A 124 7.39 -8.08 7.29
N PHE A 125 8.11 -8.56 6.28
CA PHE A 125 7.48 -8.85 5.00
C PHE A 125 6.39 -9.90 5.15
N TYR A 126 6.69 -11.02 5.81
CA TYR A 126 5.68 -12.08 5.99
C TYR A 126 4.40 -11.59 6.66
N LYS A 127 4.56 -10.81 7.74
CA LYS A 127 3.41 -10.22 8.44
C LYS A 127 2.65 -9.25 7.49
N SER A 128 3.38 -8.36 6.82
CA SER A 128 2.74 -7.42 5.91
C SER A 128 1.92 -8.09 4.83
N ILE A 129 2.51 -9.08 4.18
CA ILE A 129 1.77 -9.73 3.14
C ILE A 129 0.66 -10.61 3.77
N GLY A 130 0.89 -11.19 4.93
CA GLY A 130 -0.16 -11.93 5.64
C GLY A 130 -1.41 -11.10 5.94
N GLU A 131 -1.20 -9.86 6.34
CA GLU A 131 -2.31 -8.92 6.68
C GLU A 131 -3.12 -8.59 5.47
N LEU A 132 -2.50 -8.58 4.29
CA LEU A 132 -3.29 -8.34 3.06
C LEU A 132 -4.24 -9.48 2.66
N LYS A 133 -4.11 -10.69 3.19
CA LYS A 133 -5.05 -11.77 2.84
C LYS A 133 -5.25 -11.94 1.33
N MET A 134 -4.13 -12.11 0.64
CA MET A 134 -4.21 -12.18 -0.79
C MET A 134 -4.82 -13.56 -1.19
N THR A 135 -5.60 -13.56 -2.24
CA THR A 135 -6.19 -14.78 -2.78
C THR A 135 -5.14 -15.52 -3.62
N GLN A 136 -5.47 -16.76 -3.93
CA GLN A 136 -4.57 -17.63 -4.70
C GLN A 136 -4.30 -16.99 -6.10
N GLU A 137 -5.30 -16.36 -6.68
CA GLU A 137 -5.14 -15.74 -7.96
C GLU A 137 -4.17 -14.52 -7.88
N GLU A 138 -4.27 -13.75 -6.79
CA GLU A 138 -3.36 -12.62 -6.56
C GLU A 138 -1.91 -13.09 -6.42
N TYR A 139 -1.67 -14.14 -5.63
CA TYR A 139 -0.36 -14.75 -5.55
C TYR A 139 0.18 -15.18 -6.94
N ALA A 140 -0.68 -15.80 -7.74
CA ALA A 140 -0.25 -16.36 -9.00
C ALA A 140 0.12 -15.28 -10.00
N LEU A 141 -0.76 -14.28 -10.11
CA LEU A 141 -0.51 -13.17 -10.96
C LEU A 141 0.72 -12.33 -10.50
N LEU A 142 0.82 -11.98 -9.22
CA LEU A 142 1.97 -11.28 -8.74
C LEU A 142 3.28 -12.02 -9.01
N THR A 143 3.26 -13.31 -8.80
CA THR A 143 4.40 -14.16 -9.03
C THR A 143 4.81 -14.09 -10.47
N ALA A 144 3.84 -14.21 -11.35
CA ALA A 144 4.15 -14.12 -12.78
C ALA A 144 4.71 -12.73 -13.16
N ILE A 145 4.16 -11.69 -12.52
CA ILE A 145 4.57 -10.33 -12.74
C ILE A 145 6.00 -10.07 -12.28
N VAL A 146 6.39 -10.63 -11.15
CA VAL A 146 7.74 -10.57 -10.67
C VAL A 146 8.71 -11.30 -11.60
N ILE A 147 8.31 -12.46 -12.08
CA ILE A 147 9.23 -13.24 -12.93
C ILE A 147 9.43 -12.53 -14.26
N LEU A 148 8.35 -12.03 -14.82
CA LEU A 148 8.39 -11.33 -16.11
C LEU A 148 8.69 -9.84 -15.99
N SER A 149 9.69 -9.48 -15.22
CA SER A 149 10.07 -8.12 -15.12
C SER A 149 11.12 -7.74 -16.19
N PRO A 150 10.82 -6.70 -17.01
CA PRO A 150 11.76 -6.27 -18.03
C PRO A 150 12.99 -5.50 -17.54
N ASP A 151 13.11 -5.22 -16.24
CA ASP A 151 14.25 -4.47 -15.74
C ASP A 151 15.42 -5.29 -15.16
N ARG A 152 15.47 -6.58 -15.39
CA ARG A 152 16.54 -7.42 -14.85
C ARG A 152 17.79 -7.11 -15.63
N GLN A 153 18.91 -7.32 -14.96
CA GLN A 153 20.21 -7.21 -15.56
C GLN A 153 20.30 -8.14 -16.80
N TYR A 154 21.01 -7.64 -17.81
CA TYR A 154 21.47 -8.39 -18.98
C TYR A 154 20.38 -8.78 -20.00
N ILE A 155 19.15 -8.32 -19.82
CA ILE A 155 18.14 -8.62 -20.80
C ILE A 155 18.44 -7.84 -22.10
N LYS A 156 18.50 -8.54 -23.22
CA LYS A 156 18.73 -7.90 -24.54
C LYS A 156 17.46 -7.31 -25.17
N ASP A 157 16.32 -8.00 -25.04
CA ASP A 157 15.07 -7.54 -25.63
C ASP A 157 13.98 -7.30 -24.57
N ARG A 158 14.04 -6.15 -23.94
CA ARG A 158 13.22 -5.81 -22.83
C ARG A 158 11.76 -5.61 -23.21
N GLU A 159 11.56 -5.09 -24.41
CA GLU A 159 10.24 -4.82 -24.94
C GLU A 159 9.47 -6.15 -25.13
N ALA A 160 10.15 -7.19 -25.53
CA ALA A 160 9.47 -8.49 -25.62
C ALA A 160 8.99 -9.00 -24.25
N VAL A 161 9.72 -8.74 -23.19
CA VAL A 161 9.33 -9.16 -21.87
C VAL A 161 8.16 -8.30 -21.42
N GLU A 162 8.23 -7.01 -21.66
CA GLU A 162 7.16 -6.07 -21.30
C GLU A 162 5.84 -6.47 -21.91
N LYS A 163 5.86 -7.00 -23.11
CA LYS A 163 4.60 -7.40 -23.76
C LYS A 163 4.00 -8.62 -23.12
N LEU A 164 4.80 -9.43 -22.44
CA LEU A 164 4.25 -10.55 -21.66
C LEU A 164 3.79 -10.09 -20.29
N GLN A 165 4.49 -9.09 -19.71
CA GLN A 165 4.12 -8.66 -18.34
C GLN A 165 2.78 -7.84 -18.31
N GLU A 166 2.65 -6.92 -19.26
CA GLU A 166 1.53 -5.98 -19.27
C GLU A 166 0.14 -6.61 -19.23
N PRO A 167 -0.11 -7.67 -20.02
CA PRO A 167 -1.46 -8.27 -19.86
C PRO A 167 -1.72 -8.92 -18.51
N LEU A 168 -0.69 -9.38 -17.83
CA LEU A 168 -0.84 -9.92 -16.45
C LEU A 168 -1.20 -8.79 -15.47
N LEU A 169 -0.52 -7.65 -15.57
CA LEU A 169 -0.86 -6.48 -14.74
C LEU A 169 -2.27 -6.00 -14.99
N ASP A 170 -2.70 -5.96 -16.25
CA ASP A 170 -4.09 -5.61 -16.61
C ASP A 170 -5.09 -6.56 -15.96
N VAL A 171 -4.85 -7.89 -16.06
CA VAL A 171 -5.74 -8.88 -15.49
C VAL A 171 -5.78 -8.68 -14.01
N LEU A 172 -4.62 -8.53 -13.40
CA LEU A 172 -4.61 -8.36 -11.97
C LEU A 172 -5.40 -7.10 -11.50
N GLN A 173 -5.17 -5.97 -12.14
CA GLN A 173 -5.84 -4.72 -11.76
C GLN A 173 -7.38 -4.93 -11.94
N LYS A 174 -7.77 -5.30 -13.15
CA LYS A 174 -9.14 -5.59 -13.57
C LYS A 174 -9.80 -6.52 -12.64
N LEU A 175 -9.09 -7.56 -12.19
CA LEU A 175 -9.61 -8.42 -11.18
C LEU A 175 -9.92 -7.63 -9.96
N CYS A 176 -9.00 -6.79 -9.52
CA CYS A 176 -9.22 -5.94 -8.34
C CYS A 176 -10.46 -5.03 -8.44
N LYS A 177 -10.79 -4.50 -9.61
CA LYS A 177 -12.05 -3.79 -9.82
C LYS A 177 -13.26 -4.74 -9.71
N ILE A 178 -13.15 -5.91 -10.33
CA ILE A 178 -14.19 -6.92 -10.24
C ILE A 178 -14.48 -7.31 -8.79
N HIS A 179 -13.49 -7.72 -8.03
CA HIS A 179 -13.74 -8.26 -6.70
C HIS A 179 -13.72 -7.26 -5.61
N GLN A 180 -13.02 -6.15 -5.78
CA GLN A 180 -13.03 -5.05 -4.80
C GLN A 180 -13.49 -3.72 -5.49
N PRO A 181 -14.78 -3.66 -5.87
CA PRO A 181 -15.25 -2.52 -6.69
C PRO A 181 -15.31 -1.23 -5.87
N GLU A 182 -15.02 -0.08 -6.53
CA GLU A 182 -14.98 1.26 -5.88
C GLU A 182 -13.82 1.48 -4.86
N ASN A 183 -12.82 0.57 -4.82
CA ASN A 183 -11.64 0.70 -3.95
C ASN A 183 -10.40 0.47 -4.84
N PRO A 184 -9.97 1.51 -5.56
CA PRO A 184 -8.65 1.58 -6.21
C PRO A 184 -7.43 1.23 -5.28
N GLN A 185 -7.60 1.40 -3.98
CA GLN A 185 -6.53 1.10 -3.02
C GLN A 185 -6.14 -0.37 -2.80
N HIS A 186 -6.99 -1.34 -3.15
CA HIS A 186 -6.55 -2.74 -2.94
C HIS A 186 -5.35 -3.05 -3.85
N PHE A 187 -5.46 -2.71 -5.10
CA PHE A 187 -4.43 -2.90 -6.11
C PHE A 187 -3.16 -2.13 -5.75
N ALA A 188 -3.31 -0.86 -5.40
CA ALA A 188 -2.15 -0.07 -4.90
C ALA A 188 -1.48 -0.72 -3.64
N CYS A 189 -2.24 -1.29 -2.73
CA CYS A 189 -1.73 -2.00 -1.60
C CYS A 189 -0.94 -3.30 -2.05
N LEU A 190 -1.46 -4.05 -3.03
CA LEU A 190 -0.72 -5.17 -3.66
C LEU A 190 0.63 -4.65 -4.16
N LEU A 191 0.64 -3.53 -4.86
CA LEU A 191 1.84 -2.97 -5.42
C LEU A 191 2.78 -2.45 -4.35
N GLY A 192 2.28 -2.09 -3.20
CA GLY A 192 3.16 -1.75 -2.08
C GLY A 192 3.86 -2.94 -1.44
N ARG A 193 3.25 -4.13 -1.54
CA ARG A 193 3.93 -5.32 -1.03
C ARG A 193 5.05 -5.66 -2.02
N LEU A 194 4.88 -5.31 -3.29
CA LEU A 194 5.92 -5.48 -4.28
C LEU A 194 7.13 -4.56 -4.04
N THR A 195 6.84 -3.40 -3.44
CA THR A 195 7.88 -2.48 -3.01
C THR A 195 8.66 -3.08 -1.89
N GLU A 196 8.03 -3.61 -0.87
CA GLU A 196 8.80 -4.34 0.15
C GLU A 196 9.63 -5.50 -0.50
N LEU A 197 8.98 -6.29 -1.38
CA LEU A 197 9.60 -7.46 -1.96
C LEU A 197 10.93 -7.14 -2.62
N ARG A 198 10.96 -6.08 -3.40
CA ARG A 198 12.18 -5.65 -4.08
C ARG A 198 13.33 -5.24 -3.19
N THR A 199 13.04 -4.88 -1.92
CA THR A 199 14.15 -4.55 -1.03
C THR A 199 14.93 -5.77 -0.69
N PHE A 200 14.38 -6.95 -0.95
CA PHE A 200 15.15 -8.17 -0.61
C PHE A 200 16.33 -8.47 -1.52
N ASN A 201 16.41 -7.82 -2.68
CA ASN A 201 17.55 -8.07 -3.58
C ASN A 201 18.86 -7.68 -2.84
N HIS A 202 18.81 -6.57 -2.14
CA HIS A 202 19.96 -6.10 -1.37
C HIS A 202 20.20 -6.92 -0.08
N HIS A 203 19.16 -7.19 0.69
CA HIS A 203 19.29 -8.11 1.79
C HIS A 203 19.98 -9.41 1.36
N HIS A 204 19.49 -10.01 0.29
CA HIS A 204 20.08 -11.26 -0.25
C HIS A 204 21.56 -11.12 -0.62
N ALA A 205 21.91 -10.08 -1.37
CA ALA A 205 23.33 -9.89 -1.82
C ALA A 205 24.21 -9.79 -0.58
N GLU A 206 23.71 -9.15 0.48
CA GLU A 206 24.54 -9.04 1.66
C GLU A 206 24.62 -10.30 2.45
N MET A 207 23.51 -11.04 2.55
CA MET A 207 23.63 -12.33 3.18
C MET A 207 24.58 -13.29 2.53
N LEU A 208 24.61 -13.34 1.20
CA LEU A 208 25.56 -14.20 0.50
C LEU A 208 27.00 -13.87 0.84
N MET A 209 27.35 -12.64 1.18
CA MET A 209 28.71 -12.34 1.50
C MET A 209 29.02 -12.65 2.93
N SER A 210 28.00 -12.96 3.73
CA SER A 210 28.20 -13.09 5.15
C SER A 210 28.86 -14.45 5.46
N TRP A 211 29.53 -14.47 6.60
CA TRP A 211 30.42 -15.52 6.99
C TRP A 211 29.72 -16.83 7.19
N ARG A 212 28.72 -16.82 8.07
CA ARG A 212 27.96 -18.02 8.39
C ARG A 212 27.39 -18.59 7.11
N VAL A 213 26.82 -17.70 6.29
CA VAL A 213 26.04 -18.13 5.13
C VAL A 213 26.89 -18.70 4.05
N ASN A 214 28.01 -18.05 3.73
CA ASN A 214 28.83 -18.48 2.58
C ASN A 214 29.70 -19.69 2.89
N ASP A 215 29.94 -19.95 4.18
CA ASP A 215 30.70 -21.12 4.61
C ASP A 215 29.81 -22.42 4.69
N HIS A 216 28.79 -22.49 3.84
CA HIS A 216 27.94 -23.65 3.75
C HIS A 216 27.91 -24.15 2.36
N LYS A 217 27.47 -25.39 2.28
CA LYS A 217 27.20 -26.07 1.04
C LYS A 217 25.81 -25.61 0.72
N PHE A 218 25.69 -24.91 -0.40
CA PHE A 218 24.34 -24.71 -0.91
C PHE A 218 24.24 -25.80 -1.89
N THR A 219 23.00 -26.21 -2.17
CA THR A 219 22.71 -27.15 -3.22
C THR A 219 23.16 -26.59 -4.61
N PRO A 220 23.36 -27.49 -5.59
CA PRO A 220 23.71 -27.05 -6.93
C PRO A 220 22.74 -26.07 -7.56
N LEU A 221 21.45 -26.30 -7.40
CA LEU A 221 20.46 -25.39 -8.00
C LEU A 221 20.55 -23.99 -7.40
N LEU A 222 20.75 -23.90 -6.07
CA LEU A 222 20.86 -22.60 -5.43
C LEU A 222 22.14 -21.84 -5.86
N CYS A 223 23.21 -22.58 -5.92
CA CYS A 223 24.46 -22.05 -6.38
C CYS A 223 24.33 -21.43 -7.73
N GLU A 224 23.64 -22.15 -8.60
CA GLU A 224 23.51 -21.70 -9.99
C GLU A 224 22.58 -20.53 -10.18
N ILE A 225 21.42 -20.61 -9.57
CA ILE A 225 20.48 -19.56 -9.74
C ILE A 225 20.94 -18.25 -9.05
N TRP A 226 21.66 -18.34 -7.93
CA TRP A 226 22.16 -17.17 -7.24
C TRP A 226 23.53 -16.67 -7.77
N ASP A 227 24.11 -17.34 -8.77
CA ASP A 227 25.36 -16.93 -9.36
C ASP A 227 26.51 -17.00 -8.35
N VAL A 228 26.53 -18.03 -7.51
CA VAL A 228 27.55 -18.18 -6.51
C VAL A 228 28.89 -18.68 -7.11
N ALA B 1 23.86 -24.27 -17.65
CA ALA B 1 23.71 -25.75 -17.96
C ALA B 1 22.64 -26.42 -17.11
N LEU B 2 22.72 -26.29 -15.81
CA LEU B 2 21.61 -26.76 -14.93
C LEU B 2 20.24 -26.10 -15.24
N LEU B 3 20.26 -24.76 -15.35
CA LEU B 3 19.07 -24.02 -15.68
C LEU B 3 18.49 -24.37 -17.05
N ARG B 4 19.35 -24.48 -18.06
CA ARG B 4 18.92 -24.87 -19.43
C ARG B 4 18.27 -26.26 -19.46
N TYR B 5 18.85 -27.19 -18.72
CA TYR B 5 18.34 -28.54 -18.59
C TYR B 5 16.93 -28.53 -18.03
N LEU B 6 16.71 -27.76 -16.96
CA LEU B 6 15.41 -27.75 -16.34
C LEU B 6 14.42 -27.02 -17.21
N LEU B 7 14.83 -25.92 -17.80
CA LEU B 7 14.00 -25.35 -18.83
C LEU B 7 13.95 -26.32 -20.05
N THR C 3 7.27 11.02 -13.59
CA THR C 3 6.70 11.33 -14.96
C THR C 3 6.45 12.83 -15.15
N PRO C 4 6.70 13.38 -16.35
CA PRO C 4 6.36 14.78 -16.64
C PRO C 4 4.87 15.15 -16.42
N ASP C 5 3.94 14.26 -16.75
CA ASP C 5 2.51 14.44 -16.42
C ASP C 5 2.18 14.32 -14.93
N GLN C 6 2.99 13.58 -14.19
CA GLN C 6 2.81 13.37 -12.79
C GLN C 6 3.35 14.56 -12.03
N GLN C 7 4.48 15.12 -12.49
CA GLN C 7 5.05 16.29 -11.86
C GLN C 7 4.09 17.43 -12.05
N THR C 8 3.43 17.50 -13.21
CA THR C 8 2.45 18.56 -13.47
C THR C 8 1.29 18.43 -12.52
N LEU C 9 0.69 17.24 -12.46
CA LEU C 9 -0.34 16.94 -11.47
C LEU C 9 0.05 17.34 -10.03
N LEU C 10 1.24 16.94 -9.59
CA LEU C 10 1.66 17.20 -8.25
C LEU C 10 1.78 18.67 -7.96
N HIS C 11 2.37 19.43 -8.90
CA HIS C 11 2.55 20.88 -8.72
C HIS C 11 1.18 21.57 -8.69
N PHE C 12 0.25 21.09 -9.49
CA PHE C 12 -1.09 21.61 -9.46
C PHE C 12 -1.78 21.40 -8.08
N ILE C 13 -1.66 20.20 -7.51
CA ILE C 13 -2.22 19.92 -6.19
C ILE C 13 -1.55 20.79 -5.14
N MET C 14 -0.22 20.84 -5.17
CA MET C 14 0.51 21.67 -4.19
C MET C 14 0.19 23.15 -4.26
N ASP C 15 -0.02 23.64 -5.46
CA ASP C 15 -0.26 25.08 -5.59
C ASP C 15 -1.60 25.43 -4.94
N SER C 16 -2.58 24.55 -5.12
CA SER C 16 -3.88 24.74 -4.48
C SER C 16 -3.79 24.49 -2.98
N TYR C 17 -3.15 23.39 -2.56
CA TYR C 17 -3.09 23.09 -1.16
C TYR C 17 -2.40 24.19 -0.34
N ASN C 18 -1.28 24.71 -0.85
CA ASN C 18 -0.46 25.69 -0.14
C ASN C 18 -1.12 27.07 -0.05
N LYS C 19 -2.18 27.31 -0.80
CA LYS C 19 -2.93 28.57 -0.65
C LYS C 19 -3.78 28.58 0.65
N GLN C 20 -4.09 27.40 1.15
CA GLN C 20 -5.04 27.31 2.22
C GLN C 20 -4.30 27.51 3.49
N ARG C 21 -4.78 28.43 4.33
CA ARG C 21 -4.33 28.47 5.75
C ARG C 21 -5.49 28.73 6.73
N MET C 22 -5.27 28.38 7.98
CA MET C 22 -6.17 28.79 9.05
C MET C 22 -5.91 30.25 9.39
N PRO C 23 -6.94 31.09 9.41
CA PRO C 23 -6.67 32.49 9.67
C PRO C 23 -6.10 32.72 11.05
N GLN C 24 -5.13 33.63 11.10
CA GLN C 24 -4.43 34.07 12.34
C GLN C 24 -5.43 34.42 13.41
N GLU C 25 -6.52 35.06 13.02
CA GLU C 25 -7.60 35.44 13.93
C GLU C 25 -8.09 34.27 14.82
N ILE C 26 -8.17 33.09 14.23
CA ILE C 26 -8.64 31.93 14.95
C ILE C 26 -7.54 31.42 15.87
N THR C 27 -6.35 31.33 15.31
CA THR C 27 -5.13 31.00 16.03
C THR C 27 -4.93 31.87 17.27
N ASN C 28 -5.13 33.17 17.15
CA ASN C 28 -4.98 34.08 18.31
C ASN C 28 -5.97 33.71 19.40
N LYS C 29 -7.19 33.32 19.02
CA LYS C 29 -8.22 33.03 20.01
C LYS C 29 -7.79 31.87 20.95
N ILE C 30 -7.09 30.91 20.41
CA ILE C 30 -6.60 29.77 21.17
C ILE C 30 -5.75 30.23 22.35
N LEU C 31 -4.96 31.25 22.14
CA LEU C 31 -4.04 31.80 23.15
C LEU C 31 -4.72 32.80 24.06
N LYS C 32 -5.66 33.59 23.52
CA LYS C 32 -6.14 34.80 24.19
C LYS C 32 -7.55 34.77 24.76
N GLU C 33 -8.45 33.93 24.25
CA GLU C 33 -9.80 33.88 24.73
C GLU C 33 -9.85 33.27 26.12
N GLU C 34 -10.88 33.70 26.83
CA GLU C 34 -11.31 33.15 28.12
C GLU C 34 -11.38 31.62 28.00
N PHE C 35 -11.22 30.96 29.14
CA PHE C 35 -11.20 29.53 29.20
C PHE C 35 -12.43 29.02 29.94
N SER C 36 -13.37 28.45 29.21
CA SER C 36 -14.61 27.83 29.77
C SER C 36 -15.14 26.84 28.78
N ALA C 37 -15.99 25.94 29.24
CA ALA C 37 -16.54 24.90 28.39
C ALA C 37 -17.18 25.57 27.15
N GLU C 38 -17.90 26.67 27.33
CA GLU C 38 -18.66 27.30 26.29
C GLU C 38 -17.75 28.06 25.33
N GLU C 39 -16.78 28.82 25.83
CA GLU C 39 -15.85 29.51 24.97
C GLU C 39 -14.98 28.52 24.20
N ASN C 40 -14.61 27.44 24.86
CA ASN C 40 -13.78 26.43 24.21
C ASN C 40 -14.53 25.74 23.07
N PHE C 41 -15.80 25.44 23.28
CA PHE C 41 -16.66 24.82 22.27
C PHE C 41 -16.83 25.73 21.05
N LEU C 42 -17.06 27.00 21.30
CA LEU C 42 -17.10 27.99 20.21
C LEU C 42 -15.83 28.08 19.39
N ILE C 43 -14.68 28.06 20.03
CA ILE C 43 -13.42 28.09 19.27
C ILE C 43 -13.32 26.87 18.38
N LEU C 44 -13.65 25.69 18.92
CA LEU C 44 -13.65 24.46 18.11
C LEU C 44 -14.62 24.55 16.95
N THR C 45 -15.77 25.17 17.17
CA THR C 45 -16.76 25.39 16.13
C THR C 45 -16.24 26.33 15.05
N GLU C 46 -15.62 27.43 15.40
CA GLU C 46 -15.02 28.26 14.38
C GLU C 46 -13.92 27.55 13.65
N MET C 47 -13.14 26.74 14.34
CA MET C 47 -12.07 26.01 13.67
C MET C 47 -12.64 24.99 12.68
N ALA C 48 -13.66 24.26 13.09
CA ALA C 48 -14.30 23.22 12.26
C ALA C 48 -14.93 23.88 10.97
N THR C 49 -15.60 25.03 11.17
CA THR C 49 -16.19 25.80 10.10
C THR C 49 -15.10 26.20 9.12
N ASN C 50 -13.95 26.66 9.63
CA ASN C 50 -12.88 27.06 8.73
C ASN C 50 -12.28 25.88 7.99
N HIS C 51 -12.16 24.74 8.68
CA HIS C 51 -11.73 23.50 7.96
C HIS C 51 -12.61 23.16 6.75
N VAL C 52 -13.92 23.28 6.89
CA VAL C 52 -14.81 23.07 5.76
C VAL C 52 -14.60 24.12 4.65
N GLN C 53 -14.44 25.38 5.05
CA GLN C 53 -14.14 26.48 4.11
C GLN C 53 -12.95 26.15 3.25
N VAL C 54 -11.86 25.75 3.88
CA VAL C 54 -10.68 25.56 3.11
C VAL C 54 -10.77 24.28 2.31
N LEU C 55 -11.43 23.29 2.83
CA LEU C 55 -11.65 22.06 2.07
C LEU C 55 -12.52 22.23 0.81
N VAL C 56 -13.54 23.04 0.89
CA VAL C 56 -14.25 23.41 -0.37
C VAL C 56 -13.35 24.11 -1.39
N GLU C 57 -12.49 25.03 -0.93
CA GLU C 57 -11.59 25.76 -1.79
C GLU C 57 -10.65 24.83 -2.49
N PHE C 58 -10.14 23.90 -1.72
CA PHE C 58 -9.21 22.91 -2.24
C PHE C 58 -9.97 22.01 -3.20
N THR C 59 -11.15 21.58 -2.82
CA THR C 59 -11.91 20.58 -3.64
C THR C 59 -12.19 21.14 -5.03
N LYS C 60 -12.62 22.40 -5.09
CA LYS C 60 -13.04 22.93 -6.39
C LYS C 60 -11.91 23.16 -7.34
N LYS C 61 -10.67 23.17 -6.82
CA LYS C 61 -9.49 23.25 -7.66
C LYS C 61 -8.89 21.89 -7.99
N LEU C 62 -9.46 20.78 -7.52
CA LEU C 62 -8.83 19.47 -7.85
C LEU C 62 -8.96 19.17 -9.35
N PRO C 63 -7.91 18.62 -9.98
CA PRO C 63 -7.94 18.18 -11.40
C PRO C 63 -9.08 17.24 -11.70
N GLY C 64 -9.87 17.60 -12.69
CA GLY C 64 -11.07 16.89 -13.04
C GLY C 64 -12.30 17.19 -12.24
N PHE C 65 -12.21 17.81 -11.05
CA PHE C 65 -13.40 17.95 -10.20
C PHE C 65 -14.49 18.76 -10.89
N GLN C 66 -14.12 19.87 -11.55
CA GLN C 66 -15.11 20.69 -12.27
C GLN C 66 -15.80 20.02 -13.48
N THR C 67 -15.22 18.93 -13.98
CA THR C 67 -15.78 18.15 -15.08
C THR C 67 -16.85 17.16 -14.60
N LEU C 68 -16.91 16.89 -13.30
CA LEU C 68 -17.91 15.98 -12.77
C LEU C 68 -19.32 16.47 -12.83
N ASP C 69 -20.28 15.57 -12.93
CA ASP C 69 -21.67 15.90 -12.72
C ASP C 69 -21.90 16.71 -11.42
N HIS C 70 -22.70 17.77 -11.51
CA HIS C 70 -22.88 18.72 -10.44
C HIS C 70 -23.46 18.14 -9.18
N GLU C 71 -24.45 17.26 -9.30
CA GLU C 71 -24.96 16.60 -8.11
C GLU C 71 -23.84 15.71 -7.48
N ASP C 72 -23.03 15.06 -8.30
CA ASP C 72 -21.98 14.21 -7.82
C ASP C 72 -20.92 15.03 -7.10
N GLN C 73 -20.63 16.22 -7.58
CA GLN C 73 -19.75 17.13 -6.87
C GLN C 73 -20.21 17.39 -5.45
N ILE C 74 -21.51 17.63 -5.30
CA ILE C 74 -22.07 17.91 -3.98
C ILE C 74 -21.98 16.67 -3.12
N ALA C 75 -22.32 15.52 -3.70
CA ALA C 75 -22.32 14.27 -2.95
C ALA C 75 -20.92 13.92 -2.52
N LEU C 76 -19.91 14.26 -3.31
CA LEU C 76 -18.52 14.06 -2.87
C LEU C 76 -18.16 14.99 -1.72
N LEU C 77 -18.55 16.25 -1.86
CA LEU C 77 -18.25 17.19 -0.81
C LEU C 77 -18.85 16.74 0.51
N LYS C 78 -20.14 16.43 0.51
CA LYS C 78 -20.83 16.08 1.74
C LYS C 78 -20.37 14.73 2.25
N GLY C 79 -20.10 13.79 1.35
CA GLY C 79 -19.79 12.44 1.80
C GLY C 79 -18.36 12.38 2.39
N SER C 80 -17.44 13.13 1.81
CA SER C 80 -16.06 13.09 2.28
C SER C 80 -15.73 14.16 3.33
N ALA C 81 -16.72 15.01 3.72
CA ALA C 81 -16.44 16.09 4.62
C ALA C 81 -15.89 15.68 6.00
N VAL C 82 -16.52 14.69 6.60
CA VAL C 82 -16.16 14.33 7.96
C VAL C 82 -14.71 13.85 8.01
N GLU C 83 -14.37 12.96 7.09
CA GLU C 83 -12.99 12.44 7.02
C GLU C 83 -11.99 13.53 6.66
N ALA C 84 -12.34 14.38 5.68
CA ALA C 84 -11.42 15.42 5.24
C ALA C 84 -11.11 16.46 6.33
N MET C 85 -12.14 16.93 7.02
CA MET C 85 -12.05 17.85 8.14
C MET C 85 -11.21 17.27 9.25
N PHE C 86 -11.48 16.02 9.61
CA PHE C 86 -10.76 15.40 10.69
C PHE C 86 -9.28 15.28 10.36
N LEU C 87 -8.97 14.89 9.14
CA LEU C 87 -7.61 14.84 8.70
C LEU C 87 -6.95 16.20 8.74
N ARG C 88 -7.67 17.23 8.30
CA ARG C 88 -7.11 18.56 8.30
C ARG C 88 -6.89 19.00 9.77
N SER C 89 -7.80 18.68 10.66
CA SER C 89 -7.62 19.06 12.11
C SER C 89 -6.37 18.35 12.69
N ALA C 90 -6.09 17.14 12.25
CA ALA C 90 -4.85 16.46 12.61
C ALA C 90 -3.62 17.16 12.07
N GLU C 91 -3.66 17.57 10.82
CA GLU C 91 -2.56 18.35 10.28
C GLU C 91 -2.30 19.61 11.10
N ILE C 92 -3.35 20.35 11.39
CA ILE C 92 -3.19 21.61 12.10
C ILE C 92 -2.53 21.35 13.44
N PHE C 93 -3.03 20.33 14.15
CA PHE C 93 -2.60 19.97 15.49
C PHE C 93 -1.15 19.56 15.56
N ASN C 94 -0.68 18.79 14.59
CA ASN C 94 0.69 18.25 14.62
C ASN C 94 1.82 19.17 14.14
N SER C 102 -0.81 24.70 20.59
CA SER C 102 -0.98 23.22 20.48
C SER C 102 -1.29 22.50 21.78
N ASP C 103 -0.46 22.77 22.79
CA ASP C 103 -0.78 22.30 24.17
C ASP C 103 -2.04 22.98 24.68
N LEU C 104 -2.20 24.25 24.32
CA LEU C 104 -3.38 24.95 24.78
C LEU C 104 -4.62 24.49 23.99
N LEU C 105 -4.44 24.19 22.72
CA LEU C 105 -5.55 23.67 21.92
C LEU C 105 -6.06 22.33 22.51
N GLU C 106 -5.10 21.50 22.85
CA GLU C 106 -5.45 20.26 23.49
C GLU C 106 -6.25 20.46 24.75
N GLU C 107 -5.79 21.39 25.55
CA GLU C 107 -6.50 21.67 26.80
C GLU C 107 -7.89 22.21 26.59
N ARG C 108 -8.07 23.02 25.57
CA ARG C 108 -9.40 23.53 25.25
C ARG C 108 -10.29 22.38 24.76
N ILE C 109 -9.76 21.52 23.89
CA ILE C 109 -10.50 20.35 23.43
C ILE C 109 -10.95 19.47 24.63
N ARG C 110 -10.01 19.21 25.55
CA ARG C 110 -10.36 18.44 26.74
C ARG C 110 -11.26 19.18 27.71
N ASN C 111 -11.55 20.44 27.48
CA ASN C 111 -12.47 21.14 28.38
C ASN C 111 -13.54 21.91 27.61
N SER C 112 -14.21 21.21 26.71
CA SER C 112 -15.23 21.84 25.88
C SER C 112 -16.58 21.08 25.97
N GLY C 113 -16.69 20.22 26.98
CA GLY C 113 -17.88 19.43 27.22
C GLY C 113 -18.00 18.16 26.39
N ILE C 114 -16.92 17.72 25.76
CA ILE C 114 -16.96 16.58 24.87
C ILE C 114 -16.69 15.35 25.71
N SER C 115 -17.44 14.30 25.48
CA SER C 115 -17.26 13.05 26.14
C SER C 115 -15.94 12.39 25.72
N ASP C 116 -15.30 11.73 26.68
CA ASP C 116 -14.08 10.97 26.47
C ASP C 116 -14.21 9.81 25.46
N GLU C 117 -15.44 9.30 25.26
CA GLU C 117 -15.67 8.33 24.22
C GLU C 117 -15.20 8.84 22.82
N TYR C 118 -15.33 10.13 22.60
CA TYR C 118 -14.88 10.77 21.39
C TYR C 118 -13.48 11.37 21.47
N ILE C 119 -13.12 11.96 22.61
CA ILE C 119 -11.79 12.56 22.80
C ILE C 119 -10.69 11.51 22.68
N THR C 120 -10.81 10.41 23.38
CA THR C 120 -9.78 9.36 23.32
C THR C 120 -9.36 8.88 21.88
N PRO C 121 -10.34 8.48 21.07
CA PRO C 121 -9.95 8.08 19.69
C PRO C 121 -9.40 9.24 18.83
N MET C 122 -9.86 10.46 19.10
CA MET C 122 -9.35 11.61 18.39
C MET C 122 -7.84 11.77 18.60
N PHE C 123 -7.43 11.83 19.87
CA PHE C 123 -6.00 12.06 20.17
C PHE C 123 -5.14 10.86 19.75
N SER C 124 -5.73 9.67 19.72
CA SER C 124 -4.95 8.49 19.32
C SER C 124 -4.71 8.61 17.80
N PHE C 125 -5.73 9.04 17.05
CA PHE C 125 -5.51 9.29 15.63
C PHE C 125 -4.51 10.38 15.43
N TYR C 126 -4.65 11.52 16.13
CA TYR C 126 -3.64 12.60 16.02
C TYR C 126 -2.23 12.11 16.27
N LYS C 127 -2.04 11.32 17.33
CA LYS C 127 -0.71 10.80 17.65
C LYS C 127 -0.20 9.82 16.53
N SER C 128 -1.06 8.91 16.12
CA SER C 128 -0.75 7.99 15.03
C SER C 128 -0.36 8.74 13.76
N ILE C 129 -1.11 9.78 13.43
CA ILE C 129 -0.75 10.63 12.32
C ILE C 129 0.59 11.30 12.53
N GLY C 130 0.76 11.90 13.69
CA GLY C 130 2.02 12.61 14.00
C GLY C 130 3.27 11.70 13.87
N GLU C 131 3.16 10.43 14.27
CA GLU C 131 4.29 9.48 14.23
C GLU C 131 4.78 9.20 12.82
N LEU C 132 3.88 9.25 11.86
CA LEU C 132 4.28 9.13 10.46
C LEU C 132 5.06 10.32 9.87
N LYS C 133 5.15 11.46 10.55
CA LYS C 133 6.00 12.56 10.04
C LYS C 133 5.67 12.92 8.60
N MET C 134 4.38 13.17 8.36
CA MET C 134 3.96 13.35 7.01
C MET C 134 4.46 14.69 6.44
N THR C 135 4.87 14.69 5.19
CA THR C 135 5.19 15.91 4.49
C THR C 135 3.93 16.63 4.02
N GLN C 136 4.08 17.88 3.60
CA GLN C 136 2.98 18.68 3.09
C GLN C 136 2.34 18.00 1.85
N GLU C 137 3.18 17.37 1.02
CA GLU C 137 2.75 16.66 -0.14
C GLU C 137 1.87 15.45 0.23
N GLU C 138 2.29 14.73 1.27
CA GLU C 138 1.53 13.58 1.76
C GLU C 138 0.16 14.01 2.26
N TYR C 139 0.10 15.09 3.06
CA TYR C 139 -1.19 15.60 3.49
C TYR C 139 -2.08 16.00 2.32
N ALA C 140 -1.50 16.66 1.31
CA ALA C 140 -2.29 17.22 0.20
C ALA C 140 -2.86 16.08 -0.64
N LEU C 141 -2.02 15.12 -0.98
CA LEU C 141 -2.46 13.92 -1.71
C LEU C 141 -3.46 13.05 -0.98
N LEU C 142 -3.23 12.77 0.30
CA LEU C 142 -4.17 11.99 1.07
C LEU C 142 -5.50 12.68 1.15
N THR C 143 -5.49 14.01 1.32
CA THR C 143 -6.68 14.78 1.40
C THR C 143 -7.44 14.69 0.13
N ALA C 144 -6.74 14.83 -0.99
CA ALA C 144 -7.38 14.72 -2.27
C ALA C 144 -7.97 13.31 -2.51
N ILE C 145 -7.25 12.29 -2.07
CA ILE C 145 -7.71 10.92 -2.12
C ILE C 145 -8.95 10.66 -1.28
N VAL C 146 -9.05 11.28 -0.13
CA VAL C 146 -10.23 11.19 0.72
C VAL C 146 -11.46 11.86 0.05
N ILE C 147 -11.25 13.04 -0.48
CA ILE C 147 -12.32 13.78 -1.13
C ILE C 147 -12.81 13.05 -2.37
N LEU C 148 -11.90 12.51 -3.18
CA LEU C 148 -12.26 11.84 -4.39
C LEU C 148 -12.48 10.33 -4.21
N SER C 149 -13.31 9.97 -3.30
CA SER C 149 -13.55 8.60 -3.03
C SER C 149 -14.85 8.15 -3.77
N PRO C 150 -14.76 7.09 -4.58
CA PRO C 150 -15.92 6.65 -5.36
C PRO C 150 -17.07 5.95 -4.60
N ASP C 151 -16.89 5.67 -3.32
CA ASP C 151 -17.89 4.93 -2.52
C ASP C 151 -18.84 5.79 -1.67
N ARG C 152 -18.88 7.10 -1.87
CA ARG C 152 -19.79 7.93 -1.09
C ARG C 152 -21.21 7.69 -1.52
N GLN C 153 -22.11 7.89 -0.58
CA GLN C 153 -23.53 7.85 -0.83
C GLN C 153 -23.92 8.80 -1.96
N TYR C 154 -24.89 8.32 -2.76
CA TYR C 154 -25.59 9.11 -3.77
C TYR C 154 -24.82 9.39 -5.03
N ILE C 155 -23.62 8.89 -5.19
CA ILE C 155 -22.84 9.21 -6.39
C ILE C 155 -23.46 8.44 -7.57
N LYS C 156 -23.78 9.15 -8.64
CA LYS C 156 -24.36 8.49 -9.85
C LYS C 156 -23.33 7.85 -10.79
N ASP C 157 -22.19 8.52 -10.98
CA ASP C 157 -21.17 8.02 -11.88
C ASP C 157 -19.82 7.81 -11.12
N ARG C 158 -19.75 6.65 -10.46
CA ARG C 158 -18.67 6.29 -9.58
C ARG C 158 -17.37 6.09 -10.32
N GLU C 159 -17.46 5.60 -11.56
CA GLU C 159 -16.31 5.30 -12.37
C GLU C 159 -15.58 6.58 -12.74
N ALA C 160 -16.32 7.66 -13.01
CA ALA C 160 -15.62 8.94 -13.24
C ALA C 160 -14.85 9.43 -12.01
N VAL C 161 -15.34 9.17 -10.81
CA VAL C 161 -14.62 9.56 -9.60
C VAL C 161 -13.36 8.71 -9.46
N GLU C 162 -13.49 7.41 -9.69
CA GLU C 162 -12.33 6.51 -9.57
C GLU C 162 -11.19 6.91 -10.49
N LYS C 163 -11.53 7.44 -11.66
CA LYS C 163 -10.51 7.87 -12.60
C LYS C 163 -9.76 9.10 -12.14
N LEU C 164 -10.36 9.90 -11.25
CA LEU C 164 -9.64 11.03 -10.67
C LEU C 164 -8.78 10.58 -9.50
N GLN C 165 -9.25 9.57 -8.76
CA GLN C 165 -8.51 9.12 -7.60
C GLN C 165 -7.24 8.31 -7.94
N GLU C 166 -7.37 7.42 -8.92
CA GLU C 166 -6.27 6.50 -9.31
C GLU C 166 -4.93 7.18 -9.59
N PRO C 167 -4.91 8.27 -10.38
CA PRO C 167 -3.57 8.88 -10.57
C PRO C 167 -2.99 9.53 -9.32
N LEU C 168 -3.83 9.93 -8.37
CA LEU C 168 -3.33 10.48 -7.11
C LEU C 168 -2.66 9.43 -6.25
N LEU C 169 -3.28 8.26 -6.16
CA LEU C 169 -2.63 7.14 -5.46
C LEU C 169 -1.30 6.77 -6.07
N ASP C 170 -1.23 6.72 -7.40
CA ASP C 170 0.03 6.44 -8.14
C ASP C 170 1.17 7.43 -7.77
N VAL C 171 0.85 8.71 -7.78
CA VAL C 171 1.79 9.76 -7.43
C VAL C 171 2.24 9.60 -6.02
N LEU C 172 1.29 9.38 -5.12
CA LEU C 172 1.62 9.24 -3.74
C LEU C 172 2.58 8.05 -3.50
N GLN C 173 2.30 6.94 -4.15
CA GLN C 173 3.11 5.74 -4.06
C GLN C 173 4.54 6.05 -4.53
N LYS C 174 4.68 6.66 -5.72
CA LYS C 174 6.02 7.10 -6.18
C LYS C 174 6.73 7.99 -5.17
N LEU C 175 5.98 8.89 -4.57
CA LEU C 175 6.58 9.84 -3.67
C LEU C 175 7.18 9.17 -2.48
N CYS C 176 6.43 8.24 -1.91
CA CYS C 176 6.91 7.50 -0.74
C CYS C 176 8.26 6.77 -1.00
N LYS C 177 8.39 6.19 -2.18
CA LYS C 177 9.66 5.51 -2.52
C LYS C 177 10.78 6.49 -2.79
N ILE C 178 10.48 7.54 -3.55
CA ILE C 178 11.44 8.60 -3.83
C ILE C 178 12.02 9.18 -2.54
N HIS C 179 11.18 9.53 -1.57
CA HIS C 179 11.69 10.19 -0.37
C HIS C 179 12.08 9.26 0.73
N GLN C 180 11.41 8.12 0.87
CA GLN C 180 11.77 7.16 1.93
C GLN C 180 12.00 5.77 1.34
N PRO C 181 13.07 5.58 0.54
CA PRO C 181 13.31 4.26 -0.06
C PRO C 181 13.68 3.18 0.97
N GLU C 182 14.10 3.54 2.17
CA GLU C 182 14.41 2.53 3.20
C GLU C 182 13.27 2.09 4.13
N ASN C 183 12.02 2.58 3.97
CA ASN C 183 10.85 1.94 4.64
C ASN C 183 9.77 1.82 3.60
N PRO C 184 9.83 0.70 2.86
CA PRO C 184 8.90 0.38 1.77
C PRO C 184 7.45 0.27 2.25
N GLN C 185 7.23 0.01 3.52
CA GLN C 185 5.88 0.03 4.11
C GLN C 185 5.21 1.42 4.28
N HIS C 186 5.93 2.50 4.11
CA HIS C 186 5.41 3.82 4.33
C HIS C 186 4.07 4.12 3.62
N PHE C 187 3.97 3.81 2.33
CA PHE C 187 2.75 3.90 1.56
C PHE C 187 1.57 3.17 2.18
N ALA C 188 1.81 1.90 2.50
CA ALA C 188 0.74 1.08 3.10
C ALA C 188 0.27 1.69 4.45
N CYS C 189 1.23 2.24 5.22
CA CYS C 189 0.92 2.85 6.48
C CYS C 189 0.08 4.16 6.29
N LEU C 190 0.40 4.99 5.31
CA LEU C 190 -0.47 6.12 4.89
C LEU C 190 -1.90 5.65 4.67
N LEU C 191 -2.05 4.55 3.95
CA LEU C 191 -3.37 4.04 3.61
C LEU C 191 -4.08 3.43 4.78
N GLY C 192 -3.34 2.92 5.75
CA GLY C 192 -3.93 2.49 7.01
C GLY C 192 -4.44 3.62 7.88
N ARG C 193 -3.90 4.81 7.73
CA ARG C 193 -4.49 5.94 8.44
C ARG C 193 -5.77 6.30 7.83
N LEU C 194 -5.93 6.08 6.52
CA LEU C 194 -7.25 6.32 5.89
C LEU C 194 -8.31 5.37 6.41
N THR C 195 -7.87 4.15 6.77
CA THR C 195 -8.75 3.18 7.37
C THR C 195 -9.18 3.65 8.74
N GLU C 196 -8.27 4.07 9.63
CA GLU C 196 -8.75 4.61 10.92
C GLU C 196 -9.64 5.87 10.75
N LEU C 197 -9.27 6.73 9.82
CA LEU C 197 -10.00 8.01 9.56
C LEU C 197 -11.46 7.75 9.31
N ARG C 198 -11.76 6.72 8.57
CA ARG C 198 -13.16 6.28 8.34
C ARG C 198 -13.95 5.89 9.56
N THR C 199 -13.30 5.52 10.68
CA THR C 199 -14.03 5.21 11.89
C THR C 199 -14.62 6.49 12.44
N PHE C 200 -14.14 7.66 12.03
CA PHE C 200 -14.78 8.91 12.53
C PHE C 200 -16.13 9.22 11.95
N ASN C 201 -16.54 8.55 10.88
CA ASN C 201 -17.92 8.77 10.35
C ASN C 201 -18.96 8.47 11.43
N HIS C 202 -18.69 7.36 12.12
CA HIS C 202 -19.61 6.91 13.17
C HIS C 202 -19.49 7.76 14.47
N HIS C 203 -18.29 8.09 14.89
CA HIS C 203 -18.14 9.00 16.00
C HIS C 203 -18.86 10.30 15.73
N HIS C 204 -18.62 10.86 14.58
CA HIS C 204 -19.35 12.08 14.14
C HIS C 204 -20.89 11.98 14.24
N ALA C 205 -21.47 10.91 13.69
CA ALA C 205 -22.97 10.76 13.69
C ALA C 205 -23.48 10.78 15.14
N GLU C 206 -22.70 10.21 16.05
CA GLU C 206 -23.12 10.22 17.45
C GLU C 206 -22.93 11.57 18.11
N MET C 207 -21.85 12.24 17.80
CA MET C 207 -21.68 13.57 18.31
C MET C 207 -22.71 14.58 17.85
N LEU C 208 -23.20 14.50 16.62
CA LEU C 208 -24.34 15.38 16.21
C LEU C 208 -25.58 15.21 17.08
N PHE C 218 -24.73 25.80 15.66
CA PHE C 218 -24.12 25.47 14.35
C PHE C 218 -23.97 26.70 13.47
N THR C 219 -22.80 26.91 12.88
CA THR C 219 -22.68 27.83 11.79
C THR C 219 -23.46 27.33 10.56
N PRO C 220 -23.83 28.27 9.64
CA PRO C 220 -24.49 27.88 8.40
C PRO C 220 -23.72 26.86 7.58
N LEU C 221 -22.41 27.02 7.46
CA LEU C 221 -21.65 26.07 6.68
C LEU C 221 -21.66 24.66 7.26
N LEU C 222 -21.54 24.56 8.59
CA LEU C 222 -21.57 23.26 9.27
C LEU C 222 -22.94 22.60 9.15
N CYS C 223 -24.00 23.41 9.33
CA CYS C 223 -25.39 22.92 9.19
C CYS C 223 -25.55 22.26 7.85
N GLU C 224 -25.03 22.95 6.84
CA GLU C 224 -25.21 22.48 5.45
C GLU C 224 -24.36 21.29 5.09
N ILE C 225 -23.11 21.32 5.42
CA ILE C 225 -22.23 20.26 5.01
C ILE C 225 -22.51 18.97 5.80
N TRP C 226 -22.93 19.07 7.05
CA TRP C 226 -23.27 17.89 7.85
C TRP C 226 -24.76 17.47 7.68
N ASP C 227 -25.52 18.13 6.81
CA ASP C 227 -26.87 17.74 6.48
C ASP C 227 -27.79 17.82 7.70
N VAL C 228 -27.61 18.82 8.56
CA VAL C 228 -28.48 19.01 9.69
C VAL C 228 -29.78 19.69 9.11
N ALA D 1 -27.34 25.06 -1.67
CA ALA D 1 -27.24 26.49 -2.18
C ALA D 1 -25.92 27.12 -1.69
N LEU D 2 -25.69 27.12 -0.40
CA LEU D 2 -24.45 27.59 0.15
C LEU D 2 -23.25 26.80 -0.44
N LEU D 3 -23.34 25.47 -0.38
CA LEU D 3 -22.33 24.64 -0.98
C LEU D 3 -22.08 24.95 -2.46
N ARG D 4 -23.15 25.07 -3.25
CA ARG D 4 -23.08 25.41 -4.66
C ARG D 4 -22.43 26.79 -4.88
N TYR D 5 -22.85 27.78 -4.10
CA TYR D 5 -22.26 29.09 -4.10
C TYR D 5 -20.74 29.03 -3.88
N LEU D 6 -20.28 28.36 -2.81
CA LEU D 6 -18.83 28.24 -2.57
C LEU D 6 -18.12 27.44 -3.65
N LEU D 7 -18.71 26.38 -4.17
CA LEU D 7 -18.05 25.68 -5.24
C LEU D 7 -17.94 26.47 -6.49
N ASP D 8 -18.88 27.41 -6.74
CA ASP D 8 -18.78 28.24 -7.94
C ASP D 8 -18.06 29.57 -7.70
O4 NIW E . 14.48 -17.20 -0.28
O3 NIW E . 16.15 -13.31 5.92
C5 NIW E . 19.39 -16.34 0.84
C4 NIW E . 18.85 -17.38 1.68
C3 NIW E . 17.43 -17.62 1.69
C2 NIW E . 16.60 -16.92 0.69
N1 NIW E . 16.76 -13.68 4.72
O1 NIW E . 19.47 -19.57 2.70
O2 NIW E . 17.19 -12.59 3.87
C1 NIW E . 17.25 -15.93 -0.14
C6 NIW E . 20.87 -16.06 0.80
C7 NIW E . 19.76 -18.19 2.53
O5 NIW E . 14.69 -18.03 1.79
C8 NIW E . 18.87 -20.11 3.85
C13 NIW E . 16.75 -15.02 4.41
C12 NIW E . 17.17 -15.50 3.18
C11 NIW E . 17.06 -16.89 2.96
C10 NIW E . 19.42 -19.60 5.12
C9 NIW E . 19.19 -21.58 3.85
C17 NIW E . 15.19 -17.31 0.67
C18 NIW E . 13.36 -17.90 2.27
C19 NIW E . 13.31 -18.72 3.55
O6 NIW E . 13.22 -20.07 3.02
C20 NIW E . 11.83 -20.51 3.26
O NIW E . 20.89 -17.95 2.80
N NIW E . 18.56 -15.70 0.02
C NIW E . 16.56 -15.12 -1.18
C16 NIW E . 16.53 -17.68 3.98
C15 NIW E . 16.15 -17.17 5.21
C14 NIW E . 16.25 -15.84 5.41
O4 NIW F . -13.97 17.72 12.52
O3 NIW F . -16.02 12.66 15.91
C5 NIW F . -18.29 16.91 14.91
C4 NIW F . -17.43 17.71 15.82
C3 NIW F . -16.01 17.86 15.54
C2 NIW F . -15.59 17.40 14.17
N1 NIW F . -15.14 13.08 16.93
O1 NIW F . -18.12 19.50 17.49
O2 NIW F . -14.46 12.03 17.51
C1 NIW F . -16.54 16.65 13.35
C6 NIW F . -19.75 16.65 15.19
C7 NIW F . -18.14 18.18 17.04
O5 NIW F . -13.20 18.14 14.73
C8 NIW F . -16.99 20.17 18.01
C13 NIW F . -14.94 14.44 17.23
C12 NIW F . -15.51 15.43 16.33
C11 NIW F . -15.37 16.84 16.51
C10 NIW F . -16.99 19.87 19.48
C9 NIW F . -17.20 21.67 17.80
C17 NIW F . -14.20 17.70 13.74
C18 NIW F . -12.17 19.17 14.60
C19 NIW F . -12.84 20.48 15.06
O6 NIW F . -12.12 21.69 15.24
C20 NIW F . -10.65 21.52 15.11
O NIW F . -19.01 17.64 17.64
N NIW F . -17.80 16.46 13.80
C NIW F . -16.32 16.06 11.98
C16 NIW F . -14.61 17.19 17.63
C15 NIW F . -14.02 16.23 18.52
C14 NIW F . -14.19 14.83 18.33
#